data_3ASQ
#
_entry.id   3ASQ
#
_cell.length_a   74.690
_cell.length_b   74.690
_cell.length_c   107.106
_cell.angle_alpha   90.00
_cell.angle_beta   90.00
_cell.angle_gamma   120.00
#
_symmetry.space_group_name_H-M   'P 31'
#
loop_
_entity.id
_entity.type
_entity.pdbx_description
1 polymer 'Capsid protein'
2 branched alpha-L-fucopyranose-(1-2)-beta-D-galactopyranose-(1-3)-2-acetamido-2-deoxy-beta-D-glucopyranose
3 non-polymer 'SODIUM ION'
4 non-polymer P-NITROPHENOL
5 water water
#
_entity_poly.entity_id   1
_entity_poly.type   'polypeptide(L)'
_entity_poly.pdbx_seq_one_letter_code
;GPLGSVPPTIEQKTRAFTVPNIPLQTLSNSRFPSLIQGMILSPDASQVVQFQNGRCLIDGQLLGTTPATSGQLFRVRGKI
NQGARTLNLTEVDGKPFMAFDSPAPVGFPDFGKCDWHMRISKTPNNTSSGDPMRSVSVQTNVQGFVPHLGSIQFDEVFNH
PTGDYIGTIEWISQPSTPPGTDINLWEIPDYGSSLSQAANLAPPVFPPGFGEALVYFVSAFPGPNNRSAPNDVPCLLPQE
YITHFVSEQAPTMGDAALLHYVDPDTNRNLGEFKLYPGGYLTCVPNGVGAGPQQLPLNGVFLFVSWVSRFYQLKPVGTAS
TARSRL
;
_entity_poly.pdbx_strand_id   A,B
#
# COMPACT_ATOMS: atom_id res chain seq x y z
N THR A 9 13.66 -26.07 11.49
CA THR A 9 13.07 -27.39 11.09
C THR A 9 13.52 -27.79 9.68
N ILE A 10 13.33 -29.08 9.35
CA ILE A 10 13.66 -29.61 8.02
C ILE A 10 12.87 -28.91 6.93
N GLU A 11 11.58 -28.70 7.16
CA GLU A 11 10.70 -28.04 6.20
C GLU A 11 11.18 -26.61 5.89
N GLN A 12 11.58 -25.88 6.93
CA GLN A 12 12.08 -24.51 6.78
C GLN A 12 13.36 -24.41 5.99
N LYS A 13 14.26 -25.38 6.19
CA LYS A 13 15.54 -25.39 5.48
C LYS A 13 15.45 -26.01 4.09
N THR A 14 14.29 -26.60 3.78
CA THR A 14 14.05 -27.19 2.46
C THR A 14 12.90 -26.50 1.71
N ARG A 15 12.39 -25.41 2.27
CA ARG A 15 11.27 -24.68 1.69
C ARG A 15 11.60 -24.19 0.28
N ALA A 16 10.81 -24.64 -0.70
CA ALA A 16 11.04 -24.29 -2.09
C ALA A 16 10.80 -22.80 -2.36
N PHE A 17 11.68 -22.23 -3.18
CA PHE A 17 11.57 -20.82 -3.58
C PHE A 17 10.38 -20.61 -4.49
N THR A 18 9.63 -19.54 -4.23
CA THR A 18 8.48 -19.17 -5.05
C THR A 18 8.40 -17.65 -5.17
N VAL A 19 7.70 -17.17 -6.21
CA VAL A 19 7.35 -15.75 -6.33
C VAL A 19 5.81 -15.65 -6.42
N PRO A 20 5.24 -14.50 -6.03
CA PRO A 20 3.79 -14.30 -6.09
C PRO A 20 3.22 -14.50 -7.49
N ASN A 21 2.14 -15.26 -7.57
CA ASN A 21 1.51 -15.62 -8.83
C ASN A 21 0.44 -14.60 -9.24
N ILE A 22 0.87 -13.37 -9.51
CA ILE A 22 -0.01 -12.24 -9.79
C ILE A 22 0.56 -11.42 -10.94
N PRO A 23 -0.28 -11.03 -11.92
CA PRO A 23 0.21 -10.24 -13.04
C PRO A 23 0.88 -8.94 -12.62
N LEU A 24 1.89 -8.53 -13.38
CA LEU A 24 2.69 -7.36 -13.04
C LEU A 24 1.88 -6.08 -12.83
N GLN A 25 0.88 -5.86 -13.69
CA GLN A 25 0.04 -4.66 -13.65
C GLN A 25 -0.75 -4.52 -12.34
N THR A 26 -0.82 -5.61 -11.59
CA THR A 26 -1.57 -5.67 -10.34
C THR A 26 -0.61 -5.52 -9.14
N LEU A 27 0.69 -5.59 -9.40
CA LEU A 27 1.70 -5.48 -8.35
C LEU A 27 2.06 -4.02 -8.08
N SER A 28 2.75 -3.78 -6.96
CA SER A 28 2.99 -2.43 -6.47
C SER A 28 4.46 -1.99 -6.47
N ASN A 29 4.68 -0.70 -6.70
CA ASN A 29 5.99 -0.08 -6.56
C ASN A 29 6.47 -0.22 -5.12
N SER A 30 7.78 -0.36 -4.92
CA SER A 30 8.33 -0.53 -3.57
C SER A 30 9.04 0.73 -3.05
N ARG A 31 9.00 1.81 -3.83
CA ARG A 31 9.50 3.09 -3.34
C ARG A 31 8.38 4.04 -2.90
N PHE A 32 7.18 3.82 -3.43
CA PHE A 32 5.97 4.45 -2.90
C PHE A 32 4.77 3.59 -3.26
N PRO A 33 3.68 3.66 -2.48
CA PRO A 33 2.54 2.80 -2.75
C PRO A 33 1.79 3.25 -4.01
N SER A 34 1.82 2.38 -5.01
CA SER A 34 1.17 2.64 -6.29
C SER A 34 1.32 1.39 -7.13
N LEU A 35 0.36 1.14 -8.02
CA LEU A 35 0.52 0.08 -9.00
C LEU A 35 1.74 0.33 -9.89
N ILE A 36 2.41 -0.76 -10.28
CA ILE A 36 3.45 -0.71 -11.29
C ILE A 36 2.81 -0.42 -12.65
N GLN A 37 3.41 0.52 -13.38
CA GLN A 37 2.88 0.98 -14.68
C GLN A 37 3.76 0.60 -15.88
N GLY A 38 4.96 0.11 -15.60
CA GLY A 38 5.86 -0.30 -16.68
C GLY A 38 7.16 -0.90 -16.19
N MET A 39 7.89 -1.54 -17.11
CA MET A 39 9.25 -1.98 -16.88
C MET A 39 10.14 -1.20 -17.81
N ILE A 40 11.29 -0.76 -17.32
CA ILE A 40 12.25 -0.04 -18.16
C ILE A 40 13.69 -0.44 -17.84
N LEU A 41 14.59 -0.10 -18.76
CA LEU A 41 16.02 -0.08 -18.49
C LEU A 41 16.39 1.34 -18.12
N SER A 42 17.49 1.50 -17.37
CA SER A 42 17.98 2.83 -17.08
C SER A 42 18.43 3.50 -18.38
N PRO A 43 18.10 4.79 -18.57
CA PRO A 43 18.48 5.52 -19.77
C PRO A 43 19.99 5.50 -20.01
N ASP A 44 20.75 5.64 -18.93
CA ASP A 44 22.19 5.47 -18.96
C ASP A 44 22.48 4.00 -18.63
N ALA A 45 23.13 3.31 -19.55
CA ALA A 45 23.48 1.90 -19.38
C ALA A 45 24.49 1.66 -18.24
N SER A 46 25.17 2.73 -17.83
CA SER A 46 26.15 2.64 -16.74
C SER A 46 25.54 3.03 -15.38
N GLN A 47 24.23 3.23 -15.34
CA GLN A 47 23.58 3.69 -14.13
C GLN A 47 23.72 2.70 -12.97
N VAL A 48 24.32 3.18 -11.90
CA VAL A 48 24.35 2.47 -10.62
C VAL A 48 23.24 3.08 -9.76
N VAL A 49 22.49 2.24 -9.07
CA VAL A 49 21.44 2.72 -8.15
C VAL A 49 21.72 2.30 -6.71
N GLN A 50 21.18 3.06 -5.78
CA GLN A 50 21.35 2.77 -4.35
C GLN A 50 20.08 3.09 -3.57
N PHE A 51 18.94 2.72 -4.14
CA PHE A 51 17.65 2.92 -3.47
C PHE A 51 17.68 2.33 -2.07
N GLN A 52 17.01 3.00 -1.13
CA GLN A 52 16.97 2.53 0.25
C GLN A 52 15.68 1.78 0.57
N ASN A 53 14.63 2.08 -0.19
CA ASN A 53 13.41 1.29 -0.14
C ASN A 53 13.34 0.33 -1.33
N GLY A 54 12.56 -0.72 -1.18
CA GLY A 54 12.47 -1.76 -2.20
C GLY A 54 13.72 -2.61 -2.27
N ARG A 55 14.37 -2.80 -1.12
CA ARG A 55 15.62 -3.56 -1.03
C ARG A 55 15.45 -4.76 -0.10
N CYS A 56 15.53 -5.96 -0.67
CA CYS A 56 15.34 -7.19 0.09
C CYS A 56 16.09 -8.32 -0.60
N LEU A 57 16.86 -9.08 0.17
CA LEU A 57 17.47 -10.30 -0.36
C LEU A 57 16.37 -11.33 -0.57
N ILE A 58 16.55 -12.23 -1.53
CA ILE A 58 15.45 -13.13 -1.92
C ILE A 58 15.16 -14.24 -0.91
N ASP A 59 16.00 -14.33 0.13
CA ASP A 59 15.73 -15.18 1.28
C ASP A 59 14.99 -14.44 2.41
N GLY A 60 14.60 -13.19 2.14
CA GLY A 60 13.75 -12.43 3.07
C GLY A 60 14.44 -11.46 4.00
N GLN A 61 15.70 -11.14 3.73
CA GLN A 61 16.45 -10.18 4.55
C GLN A 61 16.26 -8.76 4.01
N LEU A 62 15.60 -7.92 4.80
CA LEU A 62 15.38 -6.52 4.42
C LEU A 62 16.65 -5.69 4.54
N LEU A 63 16.81 -4.74 3.61
CA LEU A 63 17.97 -3.85 3.58
C LEU A 63 17.54 -2.39 3.62
N GLY A 64 18.47 -1.51 3.99
CA GLY A 64 18.20 -0.06 4.00
C GLY A 64 17.10 0.33 4.95
N THR A 65 16.11 1.04 4.42
CA THR A 65 14.94 1.45 5.18
C THR A 65 13.68 0.66 4.75
N THR A 66 13.90 -0.42 3.99
CA THR A 66 12.78 -1.16 3.39
C THR A 66 11.86 -1.81 4.43
N PRO A 67 10.54 -1.49 4.36
CA PRO A 67 9.58 -2.16 5.22
C PRO A 67 9.14 -3.50 4.64
N ALA A 68 8.66 -4.40 5.51
CA ALA A 68 8.19 -5.71 5.07
C ALA A 68 6.93 -5.60 4.22
N THR A 69 6.12 -4.56 4.49
CA THR A 69 4.84 -4.36 3.83
C THR A 69 4.64 -2.90 3.41
N SER A 70 3.57 -2.65 2.66
CA SER A 70 3.29 -1.30 2.15
CA SER A 70 3.28 -1.31 2.15
C SER A 70 2.76 -0.35 3.22
N GLY A 71 2.27 -0.91 4.33
CA GLY A 71 1.67 -0.09 5.40
C GLY A 71 2.59 0.95 6.00
N GLN A 72 3.88 0.66 5.95
CA GLN A 72 4.92 1.48 6.57
C GLN A 72 5.65 2.31 5.51
N LEU A 73 5.40 1.99 4.25
CA LEU A 73 6.18 2.56 3.14
C LEU A 73 5.79 4.00 2.80
N PHE A 74 6.82 4.86 2.69
CA PHE A 74 6.68 6.22 2.19
C PHE A 74 5.90 7.11 3.17
N ARG A 75 6.09 6.85 4.46
CA ARG A 75 5.48 7.67 5.50
C ARG A 75 6.56 8.41 6.26
N VAL A 76 6.20 9.56 6.81
CA VAL A 76 7.08 10.35 7.66
C VAL A 76 6.31 10.68 8.94
N ARG A 77 7.00 10.51 10.08
CA ARG A 77 6.41 10.85 11.36
C ARG A 77 7.46 11.48 12.26
N GLY A 78 7.05 12.47 13.04
CA GLY A 78 7.99 13.08 13.98
C GLY A 78 7.32 14.11 14.87
N LYS A 79 8.12 14.69 15.76
CA LYS A 79 7.65 15.75 16.64
C LYS A 79 8.20 17.08 16.14
N ILE A 80 7.35 18.10 16.16
CA ILE A 80 7.78 19.45 15.84
C ILE A 80 7.20 20.48 16.82
N ASN A 81 8.02 21.44 17.21
CA ASN A 81 7.59 22.54 18.08
C ASN A 81 6.99 23.67 17.25
N GLN A 82 5.92 24.26 17.75
CA GLN A 82 5.35 25.47 17.15
C GLN A 82 6.43 26.54 17.01
N GLY A 83 6.52 27.13 15.83
CA GLY A 83 7.49 28.18 15.55
C GLY A 83 8.85 27.69 15.10
N ALA A 84 9.02 26.37 15.05
CA ALA A 84 10.29 25.76 14.63
C ALA A 84 10.22 25.29 13.17
N ARG A 85 11.35 24.80 12.65
CA ARG A 85 11.42 24.26 11.30
C ARG A 85 11.88 22.82 11.30
N THR A 86 12.18 22.30 12.49
CA THR A 86 12.80 20.99 12.64
C THR A 86 11.79 19.92 13.02
N LEU A 87 11.65 18.91 12.16
CA LEU A 87 10.85 17.73 12.48
C LEU A 87 11.79 16.66 13.03
N ASN A 88 11.58 16.31 14.29
CA ASN A 88 12.37 15.28 14.96
C ASN A 88 11.74 13.93 14.74
N LEU A 89 12.37 13.14 13.87
CA LEU A 89 11.79 11.93 13.33
C LEU A 89 11.60 10.82 14.35
N THR A 90 10.51 10.09 14.21
CA THR A 90 10.29 8.83 14.90
C THR A 90 9.99 7.75 13.85
N GLU A 91 9.85 6.51 14.29
CA GLU A 91 9.32 5.46 13.42
C GLU A 91 7.85 5.75 13.13
N VAL A 92 7.31 5.12 12.10
CA VAL A 92 5.94 5.35 11.65
C VAL A 92 4.90 5.03 12.75
N ASP A 93 5.23 4.10 13.63
CA ASP A 93 4.34 3.75 14.74
C ASP A 93 4.48 4.67 15.97
N GLY A 94 5.38 5.65 15.88
CA GLY A 94 5.57 6.62 16.95
C GLY A 94 6.71 6.30 17.90
N LYS A 95 7.25 5.09 17.81
CA LYS A 95 8.37 4.68 18.65
C LYS A 95 9.67 5.38 18.23
N PRO A 96 10.64 5.53 19.15
CA PRO A 96 11.85 6.28 18.83
C PRO A 96 12.62 5.70 17.65
N PHE A 97 13.17 6.60 16.85
CA PHE A 97 14.09 6.21 15.79
C PHE A 97 15.50 6.10 16.38
N MET A 98 16.04 4.89 16.37
CA MET A 98 17.40 4.68 16.82
C MET A 98 18.35 5.12 15.70
N ALA A 99 18.79 6.36 15.79
CA ALA A 99 19.72 6.95 14.83
C ALA A 99 21.09 6.25 14.90
N PHE A 100 21.89 6.43 13.86
CA PHE A 100 23.21 5.76 13.73
C PHE A 100 23.07 4.28 13.39
N ASP A 101 21.91 3.72 13.71
CA ASP A 101 21.60 2.32 13.43
C ASP A 101 21.17 2.11 11.98
N SER A 102 20.58 3.15 11.39
CA SER A 102 19.97 3.08 10.07
C SER A 102 20.10 4.45 9.37
N PRO A 103 19.87 4.50 8.03
CA PRO A 103 19.95 5.81 7.37
C PRO A 103 18.78 6.72 7.75
N ALA A 104 17.64 6.10 8.09
CA ALA A 104 16.40 6.82 8.37
C ALA A 104 15.39 5.84 8.98
N PRO A 105 14.25 6.36 9.51
CA PRO A 105 13.20 5.45 9.97
C PRO A 105 12.72 4.51 8.86
N VAL A 106 12.24 3.33 9.26
CA VAL A 106 11.73 2.36 8.29
C VAL A 106 10.63 3.03 7.46
N GLY A 107 10.72 2.87 6.13
CA GLY A 107 9.73 3.41 5.23
C GLY A 107 9.92 4.85 4.82
N PHE A 108 10.90 5.53 5.43
CA PHE A 108 11.18 6.94 5.12
C PHE A 108 11.48 7.09 3.62
N PRO A 109 10.91 8.12 2.96
CA PRO A 109 11.13 8.27 1.51
C PRO A 109 12.60 8.36 1.10
N ASP A 110 12.93 7.79 -0.06
CA ASP A 110 14.29 7.82 -0.59
C ASP A 110 14.38 8.56 -1.93
N PHE A 111 13.49 9.54 -2.12
CA PHE A 111 13.47 10.35 -3.33
C PHE A 111 14.55 11.42 -3.30
N GLY A 112 15.65 11.18 -4.01
CA GLY A 112 16.72 12.16 -4.13
C GLY A 112 16.45 13.16 -5.25
N LYS A 113 17.24 14.23 -5.28
CA LYS A 113 17.23 15.21 -6.38
C LYS A 113 15.84 15.73 -6.74
N CYS A 114 15.13 16.20 -5.72
CA CYS A 114 13.84 16.86 -5.86
C CYS A 114 13.45 17.59 -4.57
N ASP A 115 12.55 18.56 -4.70
CA ASP A 115 11.92 19.18 -3.54
C ASP A 115 10.69 18.35 -3.18
N TRP A 116 10.51 18.12 -1.89
CA TRP A 116 9.36 17.37 -1.39
C TRP A 116 8.26 18.31 -0.92
N HIS A 117 7.05 18.07 -1.38
CA HIS A 117 5.90 18.83 -0.91
C HIS A 117 4.96 17.90 -0.17
N MET A 118 5.00 18.03 1.15
CA MET A 118 4.39 17.06 2.05
C MET A 118 3.06 17.55 2.60
N ARG A 119 2.24 16.58 3.00
CA ARG A 119 1.00 16.86 3.72
C ARG A 119 1.06 16.07 5.02
N ILE A 120 0.92 16.77 6.14
CA ILE A 120 1.00 16.13 7.47
C ILE A 120 -0.18 16.58 8.33
N SER A 121 -0.45 15.82 9.39
CA SER A 121 -1.49 16.21 10.34
C SER A 121 -1.10 15.75 11.74
N LYS A 122 -1.64 16.46 12.73
CA LYS A 122 -1.41 16.14 14.14
C LYS A 122 -2.17 14.88 14.51
N THR A 123 -1.49 13.97 15.20
CA THR A 123 -2.08 12.69 15.56
C THR A 123 -1.94 12.45 17.08
N PRO A 124 -2.97 11.86 17.71
CA PRO A 124 -4.27 11.45 17.17
C PRO A 124 -5.23 12.63 17.07
N ASN A 125 -6.34 12.46 16.35
CA ASN A 125 -7.37 13.48 16.35
C ASN A 125 -7.95 13.71 17.74
N ASN A 126 -8.06 14.99 18.11
CA ASN A 126 -8.71 15.40 19.35
CA ASN A 126 -8.70 15.41 19.36
C ASN A 126 -9.68 16.56 19.11
N THR A 127 -10.20 16.62 17.89
CA THR A 127 -11.10 17.70 17.48
C THR A 127 -12.46 17.18 17.03
N SER A 128 -13.47 18.05 17.10
CA SER A 128 -14.82 17.74 16.62
C SER A 128 -15.12 18.41 15.27
N SER A 129 -14.20 19.24 14.81
CA SER A 129 -14.27 19.86 13.47
C SER A 129 -12.91 20.43 13.09
N GLY A 130 -12.75 20.72 11.80
CA GLY A 130 -11.55 21.39 11.30
C GLY A 130 -10.73 20.54 10.37
N ASP A 131 -10.17 21.19 9.35
CA ASP A 131 -9.24 20.57 8.42
C ASP A 131 -7.88 20.45 9.11
N PRO A 132 -7.42 19.20 9.37
CA PRO A 132 -6.17 19.02 10.10
C PRO A 132 -4.91 19.02 9.21
N MET A 133 -5.10 19.11 7.89
CA MET A 133 -3.98 18.93 6.97
C MET A 133 -3.09 20.16 6.87
N ARG A 134 -1.79 19.93 6.90
CA ARG A 134 -0.80 21.01 6.82
C ARG A 134 0.18 20.73 5.68
N SER A 135 0.43 21.76 4.88
CA SER A 135 1.41 21.67 3.80
C SER A 135 2.77 22.18 4.28
N VAL A 136 3.79 21.35 4.08
CA VAL A 136 5.16 21.74 4.37
C VAL A 136 6.06 21.28 3.21
N SER A 137 7.17 21.96 3.03
CA SER A 137 8.11 21.59 1.97
C SER A 137 9.48 21.26 2.55
N VAL A 138 10.16 20.31 1.92
CA VAL A 138 11.46 19.84 2.38
C VAL A 138 12.42 19.78 1.19
N GLN A 139 13.55 20.47 1.33
CA GLN A 139 14.65 20.32 0.39
C GLN A 139 15.62 19.29 0.95
N THR A 140 16.21 18.48 0.08
CA THR A 140 17.01 17.32 0.52
C THR A 140 18.52 17.54 0.42
N ASN A 141 18.95 18.60 -0.25
CA ASN A 141 20.37 18.88 -0.42
C ASN A 141 20.85 20.04 0.45
N VAL A 142 20.06 20.36 1.48
CA VAL A 142 20.39 21.44 2.41
C VAL A 142 20.98 20.86 3.70
N GLN A 143 21.65 21.73 4.46
CA GLN A 143 22.27 21.38 5.73
C GLN A 143 21.32 20.70 6.72
N GLY A 144 20.06 21.14 6.74
CA GLY A 144 19.07 20.63 7.67
C GLY A 144 18.46 19.27 7.35
N PHE A 145 18.74 18.75 6.16
CA PHE A 145 18.24 17.42 5.80
C PHE A 145 19.18 16.34 6.34
N VAL A 146 18.92 15.91 7.56
CA VAL A 146 19.80 14.95 8.24
C VAL A 146 19.00 13.81 8.89
N PRO A 147 18.23 13.04 8.09
CA PRO A 147 17.40 11.99 8.69
C PRO A 147 18.20 10.95 9.48
N HIS A 148 19.43 10.68 9.05
CA HIS A 148 20.32 9.78 9.77
C HIS A 148 20.62 10.29 11.18
N LEU A 149 20.63 11.62 11.34
CA LEU A 149 20.85 12.26 12.64
C LEU A 149 19.53 12.47 13.39
N GLY A 150 18.42 12.11 12.73
CA GLY A 150 17.12 12.11 13.38
C GLY A 150 16.21 13.28 13.08
N SER A 151 16.56 14.11 12.12
CA SER A 151 15.72 15.26 11.79
C SER A 151 15.78 15.73 10.34
N ILE A 152 14.69 16.36 9.90
CA ILE A 152 14.65 17.07 8.63
C ILE A 152 14.13 18.48 8.86
N GLN A 153 14.44 19.39 7.93
CA GLN A 153 14.08 20.79 8.08
C GLN A 153 13.06 21.22 7.05
N PHE A 154 11.98 21.86 7.51
CA PHE A 154 10.99 22.44 6.62
C PHE A 154 11.50 23.77 6.05
N ASP A 155 11.01 24.15 4.87
CA ASP A 155 11.39 25.41 4.23
C ASP A 155 10.97 26.62 5.07
N GLU A 156 9.80 26.51 5.69
CA GLU A 156 9.23 27.64 6.42
C GLU A 156 8.93 27.28 7.87
N VAL A 157 8.92 28.32 8.72
CA VAL A 157 8.52 28.20 10.12
C VAL A 157 7.14 27.53 10.20
N PHE A 158 7.02 26.56 11.10
CA PHE A 158 5.78 25.80 11.27
C PHE A 158 4.92 26.45 12.33
N ASN A 159 3.99 27.30 11.90
CA ASN A 159 3.12 28.03 12.81
C ASN A 159 1.82 27.31 13.11
N HIS A 160 1.96 26.12 13.69
CA HIS A 160 0.85 25.27 14.09
C HIS A 160 1.23 24.58 15.40
N PRO A 161 0.24 24.05 16.15
CA PRO A 161 0.50 23.53 17.49
C PRO A 161 1.60 22.47 17.56
N THR A 162 2.41 22.55 18.60
CA THR A 162 3.42 21.55 18.93
C THR A 162 2.76 20.17 19.03
N GLY A 163 3.41 19.17 18.45
CA GLY A 163 2.91 17.81 18.60
C GLY A 163 3.51 16.78 17.69
N ASP A 164 2.80 15.66 17.60
CA ASP A 164 3.20 14.47 16.88
C ASP A 164 2.51 14.52 15.52
N TYR A 165 3.29 14.62 14.44
CA TYR A 165 2.73 14.77 13.10
C TYR A 165 3.07 13.58 12.22
N ILE A 166 2.10 13.14 11.44
CA ILE A 166 2.27 12.05 10.50
C ILE A 166 1.79 12.47 9.11
N GLY A 167 2.48 11.99 8.08
CA GLY A 167 2.06 12.26 6.71
C GLY A 167 3.00 11.66 5.70
N THR A 168 3.05 12.28 4.53
CA THR A 168 3.80 11.73 3.41
C THR A 168 4.13 12.84 2.42
N ILE A 169 4.94 12.51 1.41
CA ILE A 169 5.13 13.41 0.27
C ILE A 169 3.92 13.29 -0.65
N GLU A 170 3.31 14.43 -0.98
CA GLU A 170 2.14 14.43 -1.85
C GLU A 170 2.53 14.65 -3.31
N TRP A 171 3.45 15.57 -3.54
CA TRP A 171 3.98 15.80 -4.89
C TRP A 171 5.42 16.30 -4.80
N ILE A 172 6.15 16.18 -5.90
CA ILE A 172 7.54 16.62 -5.96
C ILE A 172 7.73 17.61 -7.09
N SER A 173 8.78 18.42 -6.97
CA SER A 173 9.18 19.30 -8.06
C SER A 173 10.70 19.35 -8.15
N GLN A 174 11.21 20.09 -9.12
CA GLN A 174 12.66 20.21 -9.31
C GLN A 174 13.35 20.70 -8.03
N PRO A 175 14.60 20.26 -7.80
CA PRO A 175 15.31 20.82 -6.64
C PRO A 175 15.42 22.33 -6.77
N SER A 176 15.29 23.04 -5.65
CA SER A 176 15.40 24.51 -5.68
C SER A 176 16.82 24.94 -6.02
N THR A 177 17.79 24.16 -5.55
CA THR A 177 19.21 24.41 -5.85
C THR A 177 19.90 23.10 -6.25
N PRO A 178 20.86 23.17 -7.20
CA PRO A 178 21.23 24.34 -8.00
C PRO A 178 20.09 24.73 -8.95
N PRO A 179 19.80 26.03 -9.09
CA PRO A 179 18.64 26.45 -9.86
C PRO A 179 18.71 25.98 -11.31
N GLY A 180 17.62 25.39 -11.79
CA GLY A 180 17.53 24.92 -13.16
C GLY A 180 17.73 23.43 -13.32
N THR A 181 18.27 22.79 -12.30
CA THR A 181 18.49 21.34 -12.36
C THR A 181 17.17 20.59 -12.28
N ASP A 182 17.15 19.39 -12.83
CA ASP A 182 15.93 18.62 -12.97
C ASP A 182 15.77 17.61 -11.85
N ILE A 183 14.56 17.07 -11.72
CA ILE A 183 14.33 15.91 -10.87
C ILE A 183 15.13 14.73 -11.41
N ASN A 184 15.78 13.99 -10.51
CA ASN A 184 16.47 12.76 -10.89
C ASN A 184 16.16 11.67 -9.88
N LEU A 185 15.13 10.89 -10.18
CA LEU A 185 14.66 9.86 -9.25
C LEU A 185 15.52 8.60 -9.25
N TRP A 186 16.57 8.59 -10.07
CA TRP A 186 17.56 7.51 -10.02
C TRP A 186 18.47 7.64 -8.81
N GLU A 187 18.43 8.82 -8.18
CA GLU A 187 19.29 9.12 -7.05
C GLU A 187 18.55 9.12 -5.73
N ILE A 188 19.30 8.85 -4.65
CA ILE A 188 18.79 8.96 -3.29
C ILE A 188 19.34 10.24 -2.67
N PRO A 189 18.70 10.71 -1.59
CA PRO A 189 19.25 11.90 -0.94
C PRO A 189 20.50 11.57 -0.11
N ASP A 190 21.22 12.61 0.31
CA ASP A 190 22.26 12.46 1.32
C ASP A 190 21.59 12.44 2.69
N TYR A 191 21.63 11.28 3.33
CA TYR A 191 20.94 11.06 4.62
C TYR A 191 21.68 11.66 5.81
N GLY A 192 23.00 11.73 5.72
CA GLY A 192 23.83 12.16 6.85
C GLY A 192 24.23 13.61 6.72
N SER A 193 25.41 13.94 7.23
CA SER A 193 25.99 15.28 7.12
C SER A 193 27.46 15.17 6.70
N SER A 194 28.18 16.29 6.73
CA SER A 194 29.61 16.30 6.42
C SER A 194 30.44 15.66 7.54
N LEU A 195 29.97 15.83 8.78
CA LEU A 195 30.66 15.26 9.95
C LEU A 195 30.30 13.78 10.17
N SER A 196 29.10 13.40 9.77
CA SER A 196 28.63 12.01 9.91
C SER A 196 27.89 11.54 8.68
N GLN A 197 28.46 10.55 7.98
CA GLN A 197 27.78 9.91 6.86
C GLN A 197 26.80 8.85 7.38
N ALA A 198 25.86 8.44 6.52
CA ALA A 198 24.81 7.52 6.91
C ALA A 198 25.31 6.09 7.07
N ALA A 199 25.02 5.49 8.22
CA ALA A 199 25.41 4.11 8.51
C ALA A 199 24.32 3.13 8.09
N ASN A 200 24.74 1.94 7.68
CA ASN A 200 23.85 0.84 7.26
C ASN A 200 22.95 1.17 6.06
N LEU A 201 23.47 1.97 5.13
CA LEU A 201 22.79 2.17 3.85
C LEU A 201 22.78 0.84 3.09
N ALA A 202 21.66 0.53 2.45
CA ALA A 202 21.64 -0.58 1.52
C ALA A 202 22.72 -0.32 0.48
N PRO A 203 23.47 -1.36 0.08
CA PRO A 203 24.59 -1.17 -0.84
C PRO A 203 24.14 -0.80 -2.25
N PRO A 204 25.07 -0.27 -3.08
CA PRO A 204 24.69 0.02 -4.45
C PRO A 204 24.42 -1.25 -5.26
N VAL A 205 23.68 -1.09 -6.35
CA VAL A 205 23.41 -2.18 -7.29
C VAL A 205 24.01 -1.78 -8.62
N PHE A 206 24.89 -2.62 -9.14
CA PHE A 206 25.67 -2.27 -10.33
C PHE A 206 25.17 -3.01 -11.55
N PRO A 207 25.24 -2.36 -12.73
CA PRO A 207 24.95 -3.06 -13.98
C PRO A 207 25.80 -4.33 -14.07
N PRO A 208 25.18 -5.47 -14.40
CA PRO A 208 25.85 -6.77 -14.45
C PRO A 208 26.83 -6.89 -15.62
N GLY A 209 26.54 -6.20 -16.73
CA GLY A 209 27.36 -6.28 -17.93
C GLY A 209 27.22 -7.60 -18.65
N PHE A 210 28.14 -7.86 -19.57
CA PHE A 210 28.15 -9.07 -20.39
C PHE A 210 26.79 -9.34 -21.03
N GLY A 211 26.15 -8.28 -21.50
CA GLY A 211 24.87 -8.38 -22.20
C GLY A 211 23.65 -8.18 -21.31
N GLU A 212 23.82 -8.31 -20.00
CA GLU A 212 22.70 -8.16 -19.08
C GLU A 212 22.52 -6.72 -18.62
N ALA A 213 21.27 -6.32 -18.39
CA ALA A 213 20.97 -4.97 -17.91
C ALA A 213 19.94 -5.07 -16.80
N LEU A 214 20.00 -4.15 -15.85
CA LEU A 214 19.05 -4.10 -14.75
C LEU A 214 17.65 -3.70 -15.22
N VAL A 215 16.64 -4.33 -14.62
CA VAL A 215 15.23 -4.06 -14.92
C VAL A 215 14.62 -3.24 -13.78
N TYR A 216 13.93 -2.16 -14.15
CA TYR A 216 13.28 -1.30 -13.17
C TYR A 216 11.77 -1.26 -13.39
N PHE A 217 11.04 -1.29 -12.28
CA PHE A 217 9.58 -1.15 -12.30
C PHE A 217 9.23 0.30 -11.98
N VAL A 218 8.42 0.90 -12.85
CA VAL A 218 8.12 2.33 -12.72
C VAL A 218 6.65 2.64 -12.45
N SER A 219 6.43 3.69 -11.65
CA SER A 219 5.11 4.25 -11.39
C SER A 219 5.24 5.76 -11.38
N ALA A 220 4.25 6.45 -11.95
CA ALA A 220 4.27 7.92 -12.01
C ALA A 220 3.91 8.54 -10.66
N PHE A 221 4.69 9.53 -10.25
CA PHE A 221 4.46 10.26 -9.01
C PHE A 221 4.10 11.72 -9.34
N PRO A 222 3.10 12.30 -8.64
CA PRO A 222 2.65 13.65 -9.03
C PRO A 222 3.73 14.73 -8.96
N GLY A 223 3.66 15.64 -9.93
CA GLY A 223 4.49 16.84 -9.93
C GLY A 223 5.11 17.14 -11.29
N PRO A 224 5.61 18.36 -11.46
CA PRO A 224 6.25 18.74 -12.71
C PRO A 224 7.71 18.28 -12.80
N ASN A 225 8.32 18.47 -13.97
CA ASN A 225 9.76 18.36 -14.13
C ASN A 225 10.18 19.14 -15.38
N ASN A 226 11.49 19.25 -15.63
CA ASN A 226 11.96 20.06 -16.75
C ASN A 226 11.54 19.53 -18.12
N ARG A 227 11.18 18.26 -18.17
CA ARG A 227 10.84 17.58 -19.41
C ARG A 227 9.33 17.57 -19.70
N SER A 228 8.54 18.16 -18.81
CA SER A 228 7.07 18.11 -18.92
C SER A 228 6.56 16.68 -19.14
N ALA A 229 7.09 15.76 -18.35
CA ALA A 229 6.83 14.33 -18.48
C ALA A 229 6.45 13.77 -17.12
N PRO A 230 5.87 12.56 -17.07
CA PRO A 230 5.60 12.01 -15.74
C PRO A 230 6.88 11.75 -14.94
N ASN A 231 6.82 12.01 -13.64
CA ASN A 231 7.89 11.63 -12.72
C ASN A 231 7.83 10.13 -12.45
N ASP A 232 8.49 9.36 -13.31
CA ASP A 232 8.47 7.90 -13.17
C ASP A 232 9.48 7.47 -12.12
N VAL A 233 8.99 6.78 -11.08
CA VAL A 233 9.83 6.33 -9.97
C VAL A 233 10.24 4.89 -10.21
N PRO A 234 11.55 4.66 -10.44
CA PRO A 234 12.02 3.28 -10.66
C PRO A 234 12.32 2.55 -9.35
N CYS A 235 11.96 1.28 -9.29
CA CYS A 235 12.32 0.44 -8.14
C CYS A 235 12.79 -0.93 -8.64
N LEU A 236 13.44 -1.68 -7.76
CA LEU A 236 14.06 -2.95 -8.15
C LEU A 236 13.14 -4.16 -8.03
N LEU A 237 12.18 -4.10 -7.12
CA LEU A 237 11.31 -5.23 -6.84
C LEU A 237 9.89 -4.76 -6.54
N PRO A 238 8.88 -5.51 -7.01
CA PRO A 238 7.52 -5.21 -6.54
C PRO A 238 7.43 -5.40 -5.03
N GLN A 239 6.65 -4.57 -4.34
CA GLN A 239 6.55 -4.70 -2.88
C GLN A 239 6.02 -6.09 -2.47
N GLU A 240 5.15 -6.67 -3.28
CA GLU A 240 4.59 -7.99 -2.98
C GLU A 240 5.66 -9.07 -2.99
N TYR A 241 6.69 -8.89 -3.81
CA TYR A 241 7.84 -9.79 -3.80
C TYR A 241 8.54 -9.73 -2.44
N ILE A 242 8.79 -8.51 -1.97
CA ILE A 242 9.43 -8.28 -0.69
C ILE A 242 8.65 -8.94 0.46
N THR A 243 7.35 -8.67 0.51
CA THR A 243 6.48 -9.25 1.54
C THR A 243 6.51 -10.78 1.47
N HIS A 244 6.43 -11.30 0.25
CA HIS A 244 6.51 -12.75 0.04
C HIS A 244 7.80 -13.33 0.61
N PHE A 245 8.93 -12.72 0.30
CA PHE A 245 10.24 -13.24 0.73
C PHE A 245 10.39 -13.16 2.24
N VAL A 246 9.92 -12.07 2.83
CA VAL A 246 9.97 -11.91 4.29
C VAL A 246 9.16 -13.01 4.98
N SER A 247 7.99 -13.34 4.42
CA SER A 247 7.12 -14.37 4.96
C SER A 247 7.68 -15.79 4.74
N GLU A 248 8.13 -16.06 3.52
CA GLU A 248 8.59 -17.40 3.14
C GLU A 248 9.96 -17.76 3.71
N GLN A 249 10.90 -16.81 3.64
CA GLN A 249 12.30 -17.05 4.01
C GLN A 249 12.84 -18.34 3.39
N ALA A 250 12.56 -18.53 2.10
CA ALA A 250 13.05 -19.70 1.38
C ALA A 250 14.57 -19.58 1.19
N PRO A 251 15.32 -20.66 1.50
CA PRO A 251 16.76 -20.64 1.30
C PRO A 251 17.14 -20.42 -0.16
N THR A 252 18.15 -19.60 -0.39
CA THR A 252 18.68 -19.37 -1.73
C THR A 252 19.56 -20.55 -2.11
N MET A 253 19.18 -21.25 -3.18
CA MET A 253 19.79 -22.54 -3.56
C MET A 253 20.69 -22.47 -4.78
N GLY A 254 20.83 -21.28 -5.35
CA GLY A 254 21.66 -21.07 -6.53
C GLY A 254 22.09 -19.63 -6.68
N ASP A 255 22.88 -19.37 -7.71
CA ASP A 255 23.42 -18.03 -7.99
C ASP A 255 22.32 -17.05 -8.35
N ALA A 256 21.28 -17.55 -9.02
CA ALA A 256 20.21 -16.71 -9.53
C ALA A 256 18.97 -17.55 -9.76
N ALA A 257 17.81 -16.90 -9.67
CA ALA A 257 16.55 -17.56 -9.97
C ALA A 257 16.12 -17.16 -11.39
N LEU A 258 16.06 -18.15 -12.29
CA LEU A 258 15.59 -17.91 -13.65
C LEU A 258 14.07 -17.75 -13.64
N LEU A 259 13.61 -16.62 -14.14
CA LEU A 259 12.17 -16.36 -14.25
C LEU A 259 11.76 -16.27 -15.71
N HIS A 260 10.55 -16.75 -15.99
CA HIS A 260 9.91 -16.51 -17.27
C HIS A 260 8.74 -15.58 -17.08
N TYR A 261 8.66 -14.55 -17.90
CA TYR A 261 7.54 -13.61 -17.86
C TYR A 261 6.51 -14.16 -18.85
N VAL A 262 5.49 -14.79 -18.30
CA VAL A 262 4.58 -15.62 -19.09
C VAL A 262 3.26 -14.90 -19.37
N ASP A 263 2.81 -15.00 -20.62
CA ASP A 263 1.53 -14.47 -21.07
C ASP A 263 0.42 -15.37 -20.52
N PRO A 264 -0.49 -14.81 -19.69
CA PRO A 264 -1.52 -15.65 -19.08
C PRO A 264 -2.56 -16.16 -20.08
N ASP A 265 -2.65 -15.51 -21.24
CA ASP A 265 -3.60 -15.95 -22.27
C ASP A 265 -3.08 -17.15 -23.07
N THR A 266 -1.80 -17.12 -23.43
CA THR A 266 -1.24 -18.13 -24.34
C THR A 266 -0.31 -19.13 -23.65
N ASN A 267 0.12 -18.81 -22.43
CA ASN A 267 1.13 -19.58 -21.69
C ASN A 267 2.50 -19.54 -22.33
N ARG A 268 2.70 -18.61 -23.26
CA ARG A 268 3.98 -18.45 -23.95
C ARG A 268 4.90 -17.57 -23.12
N ASN A 269 6.19 -17.91 -23.15
CA ASN A 269 7.20 -17.10 -22.51
C ASN A 269 7.48 -15.84 -23.32
N LEU A 270 7.31 -14.68 -22.69
CA LEU A 270 7.51 -13.38 -23.34
C LEU A 270 8.91 -12.83 -23.09
N GLY A 271 9.59 -13.39 -22.10
CA GLY A 271 10.94 -12.94 -21.77
C GLY A 271 11.59 -13.69 -20.62
N GLU A 272 12.89 -13.92 -20.75
CA GLU A 272 13.69 -14.55 -19.70
C GLU A 272 14.40 -13.49 -18.87
N PHE A 273 14.34 -13.68 -17.55
CA PHE A 273 14.95 -12.76 -16.60
C PHE A 273 15.70 -13.56 -15.55
N LYS A 274 16.74 -12.95 -14.99
CA LYS A 274 17.40 -13.53 -13.82
C LYS A 274 17.14 -12.67 -12.60
N LEU A 275 16.61 -13.29 -11.55
CA LEU A 275 16.46 -12.65 -10.25
C LEU A 275 17.65 -13.02 -9.38
N TYR A 276 18.49 -12.05 -9.11
CA TYR A 276 19.69 -12.29 -8.32
C TYR A 276 19.38 -12.21 -6.83
N PRO A 277 20.15 -12.94 -6.00
CA PRO A 277 19.86 -13.03 -4.57
C PRO A 277 19.86 -11.68 -3.86
N GLY A 278 20.61 -10.71 -4.40
CA GLY A 278 20.63 -9.35 -3.89
C GLY A 278 19.33 -8.58 -4.03
N GLY A 279 18.37 -9.17 -4.75
CA GLY A 279 17.03 -8.61 -4.86
C GLY A 279 16.84 -7.67 -6.04
N TYR A 280 17.27 -8.10 -7.22
CA TYR A 280 17.08 -7.33 -8.44
C TYR A 280 17.02 -8.26 -9.64
N LEU A 281 16.41 -7.78 -10.71
CA LEU A 281 16.22 -8.57 -11.92
C LEU A 281 17.08 -8.02 -13.06
N THR A 282 17.57 -8.92 -13.90
CA THR A 282 18.22 -8.52 -15.15
C THR A 282 17.57 -9.19 -16.35
N CYS A 283 17.82 -8.63 -17.53
CA CYS A 283 17.45 -9.24 -18.80
C CYS A 283 18.57 -8.94 -19.79
N VAL A 284 18.46 -9.54 -20.98
CA VAL A 284 19.37 -9.20 -22.09
C VAL A 284 18.56 -8.51 -23.19
N PRO A 285 18.72 -7.19 -23.34
CA PRO A 285 18.00 -6.49 -24.41
C PRO A 285 18.40 -6.99 -25.80
N ASN A 286 17.40 -7.24 -26.66
CA ASN A 286 17.64 -7.76 -28.00
C ASN A 286 18.03 -6.66 -28.99
N GLY A 287 19.13 -5.97 -28.69
CA GLY A 287 19.62 -4.88 -29.53
C GLY A 287 19.26 -3.51 -28.98
N VAL A 288 19.82 -2.47 -29.58
CA VAL A 288 19.57 -1.09 -29.17
C VAL A 288 18.11 -0.69 -29.37
N GLY A 289 17.50 -0.16 -28.31
CA GLY A 289 16.08 0.21 -28.34
C GLY A 289 15.16 -0.88 -27.83
N ALA A 290 15.63 -2.13 -27.87
CA ALA A 290 14.85 -3.27 -27.38
C ALA A 290 14.91 -3.36 -25.86
N GLY A 291 13.90 -3.99 -25.27
CA GLY A 291 13.89 -4.20 -23.83
C GLY A 291 12.52 -4.54 -23.26
N PRO A 292 12.45 -4.65 -21.92
CA PRO A 292 11.22 -5.09 -21.25
C PRO A 292 10.07 -4.09 -21.36
N GLN A 293 10.38 -2.84 -21.73
CA GLN A 293 9.34 -1.82 -21.93
C GLN A 293 8.42 -2.18 -23.10
N GLN A 294 8.85 -3.11 -23.93
CA GLN A 294 8.07 -3.55 -25.09
C GLN A 294 7.08 -4.66 -24.77
N LEU A 295 7.17 -5.20 -23.56
CA LEU A 295 6.32 -6.31 -23.15
C LEU A 295 5.01 -5.79 -22.58
N PRO A 296 3.92 -6.56 -22.76
CA PRO A 296 2.65 -6.17 -22.13
C PRO A 296 2.76 -6.29 -20.61
N LEU A 297 1.89 -5.58 -19.90
CA LEU A 297 2.01 -5.50 -18.44
C LEU A 297 1.17 -6.56 -17.72
N ASN A 298 0.48 -7.41 -18.46
CA ASN A 298 -0.38 -8.42 -17.84
C ASN A 298 0.28 -9.78 -17.67
N GLY A 299 1.59 -9.84 -17.92
CA GLY A 299 2.33 -11.09 -17.75
C GLY A 299 2.59 -11.43 -16.30
N VAL A 300 2.91 -12.69 -16.04
CA VAL A 300 3.23 -13.15 -14.68
C VAL A 300 4.64 -13.73 -14.70
N PHE A 301 5.50 -13.25 -13.81
CA PHE A 301 6.81 -13.88 -13.63
C PHE A 301 6.64 -15.22 -12.94
N LEU A 302 7.19 -16.26 -13.57
CA LEU A 302 7.17 -17.61 -13.00
C LEU A 302 8.59 -18.09 -12.74
N PHE A 303 8.81 -18.66 -11.56
CA PHE A 303 10.10 -19.26 -11.21
C PHE A 303 10.28 -20.59 -11.95
N VAL A 304 11.36 -20.68 -12.73
CA VAL A 304 11.65 -21.84 -13.57
C VAL A 304 12.67 -22.78 -12.90
N SER A 305 13.80 -22.21 -12.49
CA SER A 305 14.90 -23.00 -11.95
C SER A 305 15.95 -22.10 -11.35
N TRP A 306 16.69 -22.63 -10.38
CA TRP A 306 17.94 -22.01 -9.95
C TRP A 306 18.97 -22.22 -11.05
N VAL A 307 19.73 -21.18 -11.36
CA VAL A 307 20.76 -21.25 -12.38
C VAL A 307 22.04 -20.58 -11.92
N SER A 308 23.13 -20.91 -12.60
CA SER A 308 24.42 -20.26 -12.37
C SER A 308 24.36 -18.80 -12.83
N ARG A 309 25.20 -17.95 -12.25
CA ARG A 309 25.25 -16.54 -12.65
C ARG A 309 25.72 -16.38 -14.09
N PHE A 310 26.34 -17.42 -14.63
CA PHE A 310 26.85 -17.42 -15.99
C PHE A 310 25.82 -17.86 -17.01
N TYR A 311 24.67 -18.33 -16.54
CA TYR A 311 23.57 -18.74 -17.42
C TYR A 311 23.17 -17.59 -18.35
N GLN A 312 23.10 -17.87 -19.64
CA GLN A 312 22.79 -16.83 -20.63
C GLN A 312 21.30 -16.79 -20.93
N LEU A 313 20.74 -15.59 -20.87
CA LEU A 313 19.33 -15.38 -21.14
C LEU A 313 19.06 -15.16 -22.63
N LYS A 314 17.92 -15.68 -23.08
CA LYS A 314 17.43 -15.36 -24.41
C LYS A 314 17.12 -13.86 -24.46
N PRO A 315 17.61 -13.16 -25.50
CA PRO A 315 17.38 -11.72 -25.58
C PRO A 315 15.90 -11.37 -25.65
N VAL A 316 15.53 -10.27 -24.98
CA VAL A 316 14.13 -9.86 -24.87
C VAL A 316 13.81 -8.63 -25.71
N GLY A 317 12.62 -8.63 -26.31
CA GLY A 317 12.15 -7.49 -27.10
C GLY A 317 12.58 -7.55 -28.55
N THR A 318 12.38 -6.44 -29.27
CA THR A 318 12.75 -6.33 -30.68
C THR A 318 13.43 -4.99 -30.94
N ALA A 319 14.54 -5.02 -31.68
CA ALA A 319 15.33 -3.82 -31.95
C ALA A 319 14.55 -2.71 -32.65
N ARG B 15 -2.93 -27.55 -3.52
CA ARG B 15 -2.01 -26.71 -2.68
C ARG B 15 -2.52 -26.59 -1.24
N ALA B 16 -1.60 -26.76 -0.30
CA ALA B 16 -1.91 -26.68 1.13
C ALA B 16 -2.16 -25.24 1.58
N PHE B 17 -3.15 -25.07 2.45
CA PHE B 17 -3.54 -23.74 2.92
C PHE B 17 -2.55 -23.18 3.93
N THR B 18 -2.20 -21.90 3.77
CA THR B 18 -1.33 -21.17 4.70
C THR B 18 -1.79 -19.73 4.81
N VAL B 19 -1.37 -19.07 5.89
CA VAL B 19 -1.50 -17.61 6.02
C VAL B 19 -0.10 -17.01 6.16
N PRO B 20 0.10 -15.73 5.77
CA PRO B 20 1.43 -15.12 5.84
C PRO B 20 2.08 -15.18 7.22
N ASN B 21 3.38 -15.46 7.22
CA ASN B 21 4.18 -15.54 8.44
C ASN B 21 4.77 -14.17 8.75
N ILE B 22 3.90 -13.24 9.12
CA ILE B 22 4.29 -11.86 9.41
C ILE B 22 3.46 -11.37 10.61
N PRO B 23 4.10 -10.73 11.59
CA PRO B 23 3.39 -10.22 12.77
C PRO B 23 2.26 -9.27 12.41
N LEU B 24 1.16 -9.37 13.17
CA LEU B 24 -0.05 -8.59 12.88
C LEU B 24 0.20 -7.08 12.76
N GLN B 25 1.02 -6.53 13.67
CA GLN B 25 1.32 -5.10 13.70
C GLN B 25 2.07 -4.60 12.45
N THR B 26 2.55 -5.53 11.65
CA THR B 26 3.31 -5.20 10.43
C THR B 26 2.41 -5.33 9.21
N LEU B 27 1.23 -5.91 9.41
CA LEU B 27 0.26 -6.11 8.34
C LEU B 27 -0.62 -4.88 8.14
N SER B 28 -1.35 -4.87 7.02
CA SER B 28 -2.08 -3.68 6.57
C SER B 28 -3.59 -3.81 6.62
N ASN B 29 -4.26 -2.70 6.91
CA ASN B 29 -5.71 -2.59 6.77
C ASN B 29 -6.09 -2.84 5.31
N SER B 30 -7.25 -3.44 5.11
CA SER B 30 -7.74 -3.75 3.76
C SER B 30 -8.83 -2.80 3.29
N ARG B 31 -9.14 -1.79 4.10
CA ARG B 31 -10.04 -0.73 3.64
C ARG B 31 -9.29 0.56 3.26
N PHE B 32 -8.08 0.74 3.79
CA PHE B 32 -7.17 1.77 3.30
C PHE B 32 -5.73 1.39 3.65
N PRO B 33 -4.75 1.86 2.87
CA PRO B 33 -3.35 1.52 3.14
C PRO B 33 -2.86 2.14 4.45
N SER B 34 -2.63 1.28 5.43
CA SER B 34 -2.12 1.66 6.74
C SER B 34 -1.84 0.41 7.53
N LEU B 35 -0.88 0.47 8.43
CA LEU B 35 -0.64 -0.62 9.35
C LEU B 35 -1.86 -0.86 10.24
N ILE B 36 -2.07 -2.13 10.58
CA ILE B 36 -3.10 -2.53 11.55
C ILE B 36 -2.63 -2.09 12.94
N GLN B 37 -3.53 -1.46 13.68
CA GLN B 37 -3.18 -0.89 14.98
C GLN B 37 -3.96 -1.51 16.14
N GLY B 38 -4.85 -2.44 15.81
CA GLY B 38 -5.66 -3.09 16.82
C GLY B 38 -6.48 -4.23 16.26
N MET B 39 -6.94 -5.09 17.15
CA MET B 39 -7.76 -6.23 16.81
C MET B 39 -8.90 -6.23 17.83
N ILE B 40 -10.13 -6.07 17.36
CA ILE B 40 -11.27 -5.85 18.27
C ILE B 40 -12.52 -6.68 17.94
N LEU B 41 -13.49 -6.65 18.85
CA LEU B 41 -14.85 -7.08 18.57
C LEU B 41 -15.67 -5.83 18.29
N SER B 42 -16.78 -5.97 17.57
CA SER B 42 -17.66 -4.82 17.34
C SER B 42 -18.29 -4.38 18.66
N PRO B 43 -18.30 -3.06 18.94
CA PRO B 43 -18.90 -2.54 20.18
C PRO B 43 -20.33 -3.02 20.38
N ASP B 44 -21.09 -3.07 19.29
CA ASP B 44 -22.42 -3.68 19.29
C ASP B 44 -22.24 -5.13 18.89
N ALA B 45 -22.61 -6.05 19.78
CA ALA B 45 -22.51 -7.49 19.51
C ALA B 45 -23.39 -7.97 18.34
N SER B 46 -24.41 -7.17 18.00
N SER B 46 -24.41 -7.18 18.00
CA SER B 46 -25.32 -7.51 16.90
CA SER B 46 -25.31 -7.51 16.90
C SER B 46 -24.90 -6.89 15.56
C SER B 46 -24.91 -6.86 15.57
N GLN B 47 -23.75 -6.22 15.55
CA GLN B 47 -23.27 -5.50 14.36
C GLN B 47 -23.13 -6.40 13.14
N VAL B 48 -23.89 -6.05 12.10
CA VAL B 48 -23.74 -6.65 10.78
C VAL B 48 -22.85 -5.73 9.95
N VAL B 49 -21.91 -6.29 9.20
CA VAL B 49 -21.07 -5.47 8.31
C VAL B 49 -21.24 -5.88 6.86
N GLN B 50 -20.98 -4.93 5.96
CA GLN B 50 -21.06 -5.20 4.53
C GLN B 50 -19.98 -4.40 3.80
N PHE B 51 -18.78 -4.42 4.35
CA PHE B 51 -17.64 -3.76 3.69
C PHE B 51 -17.50 -4.28 2.27
N GLN B 52 -17.09 -3.40 1.35
CA GLN B 52 -16.89 -3.77 -0.05
C GLN B 52 -15.43 -4.03 -0.37
N ASN B 53 -14.54 -3.40 0.41
CA ASN B 53 -13.12 -3.71 0.36
C ASN B 53 -12.74 -4.63 1.49
N GLY B 54 -11.61 -5.33 1.34
CA GLY B 54 -11.19 -6.32 2.33
C GLY B 54 -12.06 -7.55 2.36
N ARG B 55 -12.63 -7.90 1.19
CA ARG B 55 -13.53 -9.04 1.06
C ARG B 55 -12.95 -10.05 0.08
N CYS B 56 -12.58 -11.21 0.59
CA CYS B 56 -11.94 -12.23 -0.22
C CYS B 56 -12.23 -13.60 0.39
N LEU B 57 -12.76 -14.51 -0.42
CA LEU B 57 -12.89 -15.91 0.00
C LEU B 57 -11.49 -16.46 0.18
N ILE B 58 -11.32 -17.37 1.14
CA ILE B 58 -9.96 -17.79 1.51
C ILE B 58 -9.26 -18.67 0.46
N ASP B 59 -10.00 -19.02 -0.59
CA ASP B 59 -9.42 -19.68 -1.77
C ASP B 59 -8.96 -18.68 -2.84
N GLY B 60 -9.03 -17.39 -2.53
CA GLY B 60 -8.50 -16.35 -3.41
C GLY B 60 -9.49 -15.68 -4.33
N GLN B 61 -10.78 -15.85 -4.06
CA GLN B 61 -11.82 -15.19 -4.84
C GLN B 61 -12.19 -13.84 -4.23
N LEU B 62 -11.87 -12.76 -4.94
CA LEU B 62 -12.21 -11.41 -4.51
C LEU B 62 -13.71 -11.11 -4.62
N LEU B 63 -14.23 -10.34 -3.67
CA LEU B 63 -15.63 -9.92 -3.67
C LEU B 63 -15.76 -8.40 -3.63
N GLY B 64 -16.94 -7.90 -3.99
CA GLY B 64 -17.23 -6.47 -3.91
C GLY B 64 -16.34 -5.63 -4.81
N THR B 65 -15.58 -4.72 -4.21
CA THR B 65 -14.64 -3.87 -4.94
C THR B 65 -13.20 -4.18 -4.56
N THR B 66 -13.00 -5.30 -3.87
CA THR B 66 -11.71 -5.62 -3.24
C THR B 66 -10.59 -5.84 -4.26
N PRO B 67 -9.48 -5.08 -4.12
CA PRO B 67 -8.32 -5.32 -4.97
C PRO B 67 -7.45 -6.47 -4.46
N ALA B 68 -6.70 -7.08 -5.37
CA ALA B 68 -5.77 -8.14 -4.99
C ALA B 68 -4.62 -7.63 -4.14
N THR B 69 -4.24 -6.37 -4.36
CA THR B 69 -3.08 -5.77 -3.70
C THR B 69 -3.37 -4.34 -3.23
N SER B 70 -2.46 -3.77 -2.46
CA SER B 70 -2.64 -2.43 -1.88
CA SER B 70 -2.64 -2.43 -1.88
C SER B 70 -2.51 -1.31 -2.91
N GLY B 71 -1.85 -1.61 -4.03
CA GLY B 71 -1.59 -0.60 -5.06
C GLY B 71 -2.85 0.06 -5.61
N GLN B 72 -3.94 -0.71 -5.61
CA GLN B 72 -5.20 -0.32 -6.20
C GLN B 72 -6.18 0.17 -5.13
N LEU B 73 -5.85 -0.10 -3.87
CA LEU B 73 -6.78 0.13 -2.76
C LEU B 73 -6.94 1.60 -2.39
N PHE B 74 -8.20 2.03 -2.26
CA PHE B 74 -8.52 3.35 -1.71
C PHE B 74 -8.09 4.47 -2.64
N ARG B 75 -8.15 4.21 -3.95
CA ARG B 75 -7.90 5.24 -4.95
C ARG B 75 -9.16 5.52 -5.75
N VAL B 76 -9.24 6.73 -6.28
CA VAL B 76 -10.32 7.14 -7.16
C VAL B 76 -9.69 7.73 -8.42
N ARG B 77 -10.25 7.35 -9.57
CA ARG B 77 -9.78 7.88 -10.84
C ARG B 77 -10.96 8.11 -11.77
N GLY B 78 -10.91 9.18 -12.55
CA GLY B 78 -11.97 9.45 -13.51
C GLY B 78 -11.68 10.65 -14.37
N LYS B 79 -12.58 10.93 -15.30
CA LYS B 79 -12.51 12.14 -16.11
C LYS B 79 -13.45 13.19 -15.55
N ILE B 80 -13.00 14.44 -15.54
CA ILE B 80 -13.86 15.55 -15.20
C ILE B 80 -13.59 16.73 -16.14
N ASN B 81 -14.66 17.39 -16.54
CA ASN B 81 -14.56 18.58 -17.38
C ASN B 81 -14.49 19.82 -16.52
N GLN B 82 -13.65 20.76 -16.96
CA GLN B 82 -13.62 22.10 -16.41
C GLN B 82 -15.03 22.67 -16.33
N GLY B 83 -15.41 23.14 -15.14
CA GLY B 83 -16.74 23.71 -14.93
C GLY B 83 -17.84 22.74 -14.57
N ALA B 84 -17.48 21.45 -14.44
CA ALA B 84 -18.43 20.42 -14.04
C ALA B 84 -18.28 20.08 -12.56
N ARG B 85 -19.24 19.33 -12.02
CA ARG B 85 -19.17 18.83 -10.65
C ARG B 85 -19.00 17.31 -10.63
N THR B 86 -19.05 16.69 -11.80
CA THR B 86 -19.15 15.23 -11.88
C THR B 86 -17.87 14.57 -12.36
N LEU B 87 -17.37 13.63 -11.55
CA LEU B 87 -16.24 12.79 -11.91
C LEU B 87 -16.76 11.50 -12.51
N ASN B 88 -16.46 11.26 -13.78
CA ASN B 88 -16.87 10.05 -14.45
C ASN B 88 -15.81 8.99 -14.32
N LEU B 89 -16.09 8.00 -13.48
CA LEU B 89 -15.10 7.05 -12.99
C LEU B 89 -14.54 6.10 -14.03
N THR B 90 -13.26 5.79 -13.87
CA THR B 90 -12.62 4.68 -14.54
C THR B 90 -12.02 3.77 -13.49
N GLU B 91 -11.44 2.65 -13.92
CA GLU B 91 -10.61 1.85 -13.04
C GLU B 91 -9.35 2.66 -12.72
N VAL B 92 -8.63 2.24 -11.67
CA VAL B 92 -7.45 2.97 -11.21
C VAL B 92 -6.35 3.04 -12.27
N ASP B 93 -6.29 2.02 -13.13
CA ASP B 93 -5.27 1.99 -14.20
C ASP B 93 -5.74 2.71 -15.46
N GLY B 94 -6.91 3.33 -15.40
CA GLY B 94 -7.43 4.13 -16.51
C GLY B 94 -8.37 3.37 -17.44
N LYS B 95 -8.43 2.05 -17.30
CA LYS B 95 -9.35 1.23 -18.08
C LYS B 95 -10.80 1.58 -17.77
N PRO B 96 -11.70 1.50 -18.77
CA PRO B 96 -13.11 1.83 -18.58
C PRO B 96 -13.75 1.07 -17.43
N PHE B 97 -14.60 1.74 -16.67
CA PHE B 97 -15.39 1.09 -15.64
C PHE B 97 -16.72 0.63 -16.23
N MET B 98 -16.98 -0.67 -16.12
CA MET B 98 -18.22 -1.26 -16.64
C MET B 98 -19.34 -1.04 -15.62
N ALA B 99 -20.20 -0.07 -15.92
CA ALA B 99 -21.33 0.30 -15.06
C ALA B 99 -22.37 -0.82 -14.99
N PHE B 100 -23.21 -0.78 -13.95
CA PHE B 100 -24.25 -1.79 -13.68
C PHE B 100 -23.72 -3.16 -13.27
N ASP B 101 -22.42 -3.40 -13.50
CA ASP B 101 -21.81 -4.71 -13.24
C ASP B 101 -21.34 -4.85 -11.79
N SER B 102 -20.70 -3.81 -11.27
CA SER B 102 -20.08 -3.83 -9.95
C SER B 102 -20.58 -2.60 -9.17
N PRO B 103 -20.37 -2.57 -7.83
CA PRO B 103 -20.83 -1.40 -7.09
C PRO B 103 -20.03 -0.15 -7.42
N ALA B 104 -18.78 -0.34 -7.84
CA ALA B 104 -17.84 0.75 -8.07
C ALA B 104 -16.55 0.16 -8.66
N PRO B 105 -15.64 1.03 -9.17
CA PRO B 105 -14.35 0.52 -9.65
C PRO B 105 -13.57 -0.22 -8.55
N VAL B 106 -12.72 -1.15 -8.96
CA VAL B 106 -11.91 -1.89 -7.99
C VAL B 106 -11.10 -0.92 -7.14
N GLY B 107 -11.15 -1.12 -5.82
CA GLY B 107 -10.40 -0.29 -4.89
C GLY B 107 -11.07 1.00 -4.46
N PHE B 108 -12.21 1.32 -5.05
CA PHE B 108 -12.96 2.53 -4.70
C PHE B 108 -13.28 2.52 -3.20
N PRO B 109 -13.12 3.68 -2.51
CA PRO B 109 -13.34 3.71 -1.06
C PRO B 109 -14.73 3.27 -0.63
N ASP B 110 -14.81 2.58 0.51
CA ASP B 110 -16.09 2.09 1.02
C ASP B 110 -16.42 2.69 2.39
N PHE B 111 -15.91 3.90 2.65
CA PHE B 111 -16.19 4.62 3.89
C PHE B 111 -17.58 5.25 3.84
N GLY B 112 -18.54 4.62 4.52
CA GLY B 112 -19.89 5.18 4.65
C GLY B 112 -20.01 6.19 5.77
N LYS B 113 -21.15 6.87 5.84
CA LYS B 113 -21.48 7.81 6.93
C LYS B 113 -20.36 8.80 7.26
N CYS B 114 -19.88 9.51 6.24
CA CYS B 114 -18.90 10.57 6.40
C CYS B 114 -18.78 11.40 5.12
N ASP B 115 -18.29 12.62 5.27
CA ASP B 115 -17.90 13.45 4.13
C ASP B 115 -16.47 13.12 3.77
N TRP B 116 -16.20 13.02 2.47
CA TRP B 116 -14.85 12.72 1.99
C TRP B 116 -14.16 14.01 1.55
N HIS B 117 -12.96 14.24 2.05
CA HIS B 117 -12.16 15.36 1.59
C HIS B 117 -10.96 14.84 0.84
N MET B 118 -11.04 14.95 -0.48
CA MET B 118 -10.12 14.28 -1.38
C MET B 118 -9.06 15.21 -1.93
N ARG B 119 -7.95 14.61 -2.33
CA ARG B 119 -6.89 15.31 -3.06
C ARG B 119 -6.66 14.55 -4.35
N ILE B 120 -6.79 15.27 -5.47
CA ILE B 120 -6.65 14.67 -6.79
C ILE B 120 -5.72 15.51 -7.67
N SER B 121 -5.17 14.88 -8.70
CA SER B 121 -4.31 15.60 -9.66
C SER B 121 -4.47 15.04 -11.06
N LYS B 122 -4.24 15.90 -12.05
CA LYS B 122 -4.35 15.53 -13.46
C LYS B 122 -3.13 14.69 -13.86
N THR B 123 -3.38 13.58 -14.55
CA THR B 123 -2.34 12.63 -14.91
C THR B 123 -2.41 12.25 -16.41
N PRO B 124 -1.24 12.06 -17.07
CA PRO B 124 0.11 12.22 -16.54
C PRO B 124 0.52 13.68 -16.51
N ASN B 125 1.57 13.98 -15.75
CA ASN B 125 2.14 15.32 -15.82
C ASN B 125 2.60 15.64 -17.23
N ASN B 126 2.28 16.85 -17.66
CA ASN B 126 2.73 17.37 -18.95
C ASN B 126 3.22 18.81 -18.81
N THR B 127 3.69 19.16 -17.61
CA THR B 127 4.06 20.53 -17.25
C THR B 127 5.45 20.63 -16.63
N SER B 128 6.04 21.83 -16.68
CA SER B 128 7.37 22.07 -16.11
C SER B 128 7.34 22.82 -14.77
N SER B 129 6.14 23.24 -14.34
CA SER B 129 5.97 23.87 -13.04
C SER B 129 4.52 23.79 -12.59
N GLY B 130 4.30 23.99 -11.29
CA GLY B 130 2.97 24.12 -10.74
C GLY B 130 2.60 23.03 -9.75
N ASP B 131 1.86 23.43 -8.72
CA ASP B 131 1.26 22.51 -7.77
C ASP B 131 0.05 21.86 -8.45
N PRO B 132 0.08 20.53 -8.66
CA PRO B 132 -0.99 19.86 -9.40
C PRO B 132 -2.16 19.41 -8.52
N MET B 133 -2.04 19.62 -7.20
CA MET B 133 -3.00 19.05 -6.26
C MET B 133 -4.26 19.88 -6.10
N ARG B 134 -5.41 19.21 -6.21
CA ARG B 134 -6.71 19.87 -6.09
C ARG B 134 -7.52 19.26 -4.95
N SER B 135 -8.12 20.12 -4.13
CA SER B 135 -9.01 19.68 -3.07
C SER B 135 -10.45 19.64 -3.58
N VAL B 136 -11.12 18.51 -3.37
CA VAL B 136 -12.55 18.37 -3.68
C VAL B 136 -13.21 17.62 -2.53
N SER B 137 -14.50 17.83 -2.36
CA SER B 137 -15.24 17.13 -1.30
C SER B 137 -16.42 16.36 -1.88
N VAL B 138 -16.68 15.20 -1.28
CA VAL B 138 -17.73 14.31 -1.75
C VAL B 138 -18.63 13.90 -0.60
N GLN B 139 -19.93 14.09 -0.78
CA GLN B 139 -20.94 13.55 0.13
C GLN B 139 -21.45 12.25 -0.47
N THR B 140 -21.71 11.26 0.38
CA THR B 140 -22.00 9.92 -0.11
C THR B 140 -23.47 9.53 -0.01
N ASN B 141 -24.27 10.38 0.60
CA ASN B 141 -25.70 10.08 0.75
C ASN B 141 -26.59 11.01 -0.08
N VAL B 142 -25.98 11.68 -1.05
CA VAL B 142 -26.69 12.60 -1.94
C VAL B 142 -27.02 11.92 -3.27
N GLN B 143 -27.95 12.54 -4.02
CA GLN B 143 -28.41 12.01 -5.29
C GLN B 143 -27.29 11.77 -6.30
N GLY B 144 -26.26 12.62 -6.25
CA GLY B 144 -25.15 12.56 -7.20
C GLY B 144 -24.08 11.53 -6.88
N PHE B 145 -24.17 10.88 -5.73
CA PHE B 145 -23.24 9.80 -5.41
C PHE B 145 -23.73 8.49 -5.98
N VAL B 146 -23.33 8.19 -7.21
CA VAL B 146 -23.82 7.02 -7.92
C VAL B 146 -22.68 6.22 -8.57
N PRO B 147 -21.73 5.75 -7.76
CA PRO B 147 -20.57 5.06 -8.36
C PRO B 147 -20.96 3.82 -9.17
N HIS B 148 -22.07 3.16 -8.82
CA HIS B 148 -22.50 1.99 -9.57
CA HIS B 148 -22.57 2.00 -9.55
C HIS B 148 -22.96 2.36 -10.98
N LEU B 149 -23.33 3.62 -11.17
CA LEU B 149 -23.66 4.17 -12.49
C LEU B 149 -22.43 4.78 -13.16
N GLY B 150 -21.33 4.84 -12.43
CA GLY B 150 -20.06 5.30 -12.97
C GLY B 150 -19.64 6.73 -12.67
N SER B 151 -20.33 7.37 -11.72
CA SER B 151 -20.00 8.76 -11.40
C SER B 151 -20.23 9.15 -9.95
N ILE B 152 -19.44 10.13 -9.49
CA ILE B 152 -19.69 10.78 -8.21
C ILE B 152 -19.68 12.29 -8.40
N GLN B 153 -20.36 13.01 -7.52
CA GLN B 153 -20.50 14.46 -7.63
C GLN B 153 -19.72 15.17 -6.54
N PHE B 154 -18.90 16.15 -6.93
CA PHE B 154 -18.18 17.00 -5.97
C PHE B 154 -19.13 18.06 -5.40
N ASP B 155 -18.83 18.53 -4.19
CA ASP B 155 -19.65 19.58 -3.54
C ASP B 155 -19.70 20.87 -4.34
N GLU B 156 -18.58 21.22 -4.97
CA GLU B 156 -18.46 22.48 -5.69
C GLU B 156 -18.06 22.25 -7.14
N VAL B 157 -18.40 23.22 -8.00
CA VAL B 157 -17.97 23.19 -9.38
C VAL B 157 -16.45 23.12 -9.45
N PHE B 158 -15.94 22.27 -10.33
CA PHE B 158 -14.51 22.02 -10.47
C PHE B 158 -13.92 22.95 -11.52
N ASN B 159 -13.50 24.13 -11.07
CA ASN B 159 -12.92 25.14 -11.96
C ASN B 159 -11.42 24.96 -12.11
N HIS B 160 -11.05 23.82 -12.68
CA HIS B 160 -9.67 23.45 -12.95
C HIS B 160 -9.67 22.74 -14.30
N PRO B 161 -8.48 22.63 -14.94
CA PRO B 161 -8.44 22.06 -16.29
C PRO B 161 -9.07 20.67 -16.45
N THR B 162 -9.77 20.49 -17.57
CA THR B 162 -10.34 19.21 -17.98
C THR B 162 -9.25 18.15 -18.03
N GLY B 163 -9.57 16.95 -17.57
CA GLY B 163 -8.65 15.84 -17.74
C GLY B 163 -8.93 14.59 -16.96
N ASP B 164 -7.92 13.73 -16.93
CA ASP B 164 -7.91 12.45 -16.23
C ASP B 164 -7.32 12.71 -14.85
N TYR B 165 -8.14 12.56 -13.82
CA TYR B 165 -7.69 12.82 -12.45
C TYR B 165 -7.62 11.56 -11.60
N ILE B 166 -6.58 11.50 -10.76
CA ILE B 166 -6.39 10.40 -9.84
C ILE B 166 -6.09 10.94 -8.45
N GLY B 167 -6.58 10.26 -7.44
CA GLY B 167 -6.30 10.67 -6.07
C GLY B 167 -6.94 9.75 -5.06
N THR B 168 -7.20 10.31 -3.88
CA THR B 168 -7.67 9.50 -2.75
C THR B 168 -8.37 10.40 -1.75
N ILE B 169 -8.96 9.80 -0.72
CA ILE B 169 -9.50 10.57 0.40
C ILE B 169 -8.34 10.90 1.34
N GLU B 170 -8.18 12.18 1.67
CA GLU B 170 -7.10 12.61 2.54
C GLU B 170 -7.54 12.66 4.01
N TRP B 171 -8.74 13.17 4.24
CA TRP B 171 -9.33 13.17 5.58
C TRP B 171 -10.85 13.12 5.46
N ILE B 172 -11.50 12.68 6.52
CA ILE B 172 -12.96 12.59 6.56
C ILE B 172 -13.52 13.44 7.70
N SER B 173 -14.78 13.84 7.55
CA SER B 173 -15.49 14.51 8.63
C SER B 173 -16.93 13.99 8.71
N GLN B 174 -17.68 14.47 9.69
CA GLN B 174 -19.08 14.08 9.85
C GLN B 174 -19.88 14.29 8.56
N PRO B 175 -20.88 13.43 8.29
CA PRO B 175 -21.70 13.67 7.10
C PRO B 175 -22.39 15.02 7.20
N SER B 176 -22.50 15.74 6.09
CA SER B 176 -23.15 17.05 6.10
C SER B 176 -24.64 16.93 6.41
N THR B 177 -25.25 15.83 5.96
CA THR B 177 -26.66 15.52 6.24
C THR B 177 -26.85 14.04 6.63
N PRO B 178 -27.79 13.75 7.55
CA PRO B 178 -28.58 14.69 8.35
C PRO B 178 -27.69 15.44 9.33
N PRO B 179 -27.93 16.75 9.53
CA PRO B 179 -27.05 17.55 10.39
C PRO B 179 -26.93 16.97 11.80
N GLY B 180 -25.70 16.97 12.32
CA GLY B 180 -25.44 16.47 13.67
C GLY B 180 -25.03 15.01 13.77
N THR B 181 -25.26 14.24 12.71
CA THR B 181 -24.91 12.82 12.73
C THR B 181 -23.40 12.65 12.70
N ASP B 182 -22.94 11.57 13.35
CA ASP B 182 -21.52 11.33 13.51
C ASP B 182 -21.01 10.42 12.40
N ILE B 183 -19.69 10.35 12.28
CA ILE B 183 -19.05 9.37 11.41
C ILE B 183 -19.36 7.97 11.94
N ASN B 184 -19.70 7.06 11.03
CA ASN B 184 -19.85 5.65 11.38
C ASN B 184 -19.21 4.75 10.34
N LEU B 185 -17.95 4.41 10.57
CA LEU B 185 -17.15 3.64 9.61
C LEU B 185 -17.48 2.15 9.58
N TRP B 186 -18.43 1.72 10.41
CA TRP B 186 -18.96 0.36 10.32
C TRP B 186 -19.88 0.22 9.11
N GLU B 187 -20.28 1.35 8.52
CA GLU B 187 -21.19 1.35 7.40
C GLU B 187 -20.49 1.66 6.08
N ILE B 188 -21.17 1.31 4.99
CA ILE B 188 -20.70 1.57 3.63
C ILE B 188 -21.58 2.64 2.99
N PRO B 189 -21.05 3.32 1.95
CA PRO B 189 -21.88 4.33 1.28
C PRO B 189 -22.98 3.71 0.44
N ASP B 190 -23.90 4.55 -0.03
CA ASP B 190 -24.97 4.10 -0.90
C ASP B 190 -24.50 4.15 -2.34
N TYR B 191 -24.05 3.01 -2.86
CA TYR B 191 -23.48 2.92 -4.21
C TYR B 191 -24.53 3.09 -5.29
N GLY B 192 -25.77 2.73 -4.97
CA GLY B 192 -26.87 2.69 -5.92
C GLY B 192 -27.43 4.07 -6.26
N SER B 193 -28.47 4.07 -7.09
CA SER B 193 -29.11 5.31 -7.53
C SER B 193 -30.58 5.33 -7.14
N SER B 194 -31.30 6.34 -7.63
CA SER B 194 -32.73 6.46 -7.36
C SER B 194 -33.55 5.34 -8.01
N LEU B 195 -33.13 4.91 -9.20
CA LEU B 195 -33.86 3.89 -9.96
C LEU B 195 -33.22 2.50 -9.96
N SER B 196 -32.02 2.39 -9.40
CA SER B 196 -31.28 1.12 -9.42
C SER B 196 -30.46 0.86 -8.15
N GLN B 197 -30.66 -0.32 -7.57
CA GLN B 197 -29.77 -0.83 -6.52
C GLN B 197 -28.46 -1.26 -7.13
N ALA B 198 -27.38 -1.14 -6.37
CA ALA B 198 -26.05 -1.56 -6.83
C ALA B 198 -25.97 -3.07 -6.96
N ALA B 199 -25.44 -3.53 -8.09
CA ALA B 199 -25.32 -4.95 -8.37
C ALA B 199 -23.98 -5.51 -7.90
N ASN B 200 -23.99 -6.79 -7.52
CA ASN B 200 -22.80 -7.52 -7.09
C ASN B 200 -22.07 -6.92 -5.90
N LEU B 201 -22.83 -6.35 -4.96
CA LEU B 201 -22.27 -5.97 -3.67
C LEU B 201 -21.81 -7.23 -2.96
N ALA B 202 -20.64 -7.16 -2.32
CA ALA B 202 -20.22 -8.22 -1.42
C ALA B 202 -21.32 -8.33 -0.36
N PRO B 203 -21.73 -9.56 -0.03
CA PRO B 203 -22.87 -9.74 0.87
C PRO B 203 -22.56 -9.36 2.33
N PRO B 204 -23.62 -9.16 3.14
CA PRO B 204 -23.39 -8.87 4.56
C PRO B 204 -22.76 -10.03 5.31
N VAL B 205 -22.03 -9.71 6.37
CA VAL B 205 -21.46 -10.70 7.27
C VAL B 205 -22.16 -10.52 8.60
N PHE B 206 -22.81 -11.58 9.07
CA PHE B 206 -23.62 -11.56 10.28
C PHE B 206 -22.86 -12.12 11.47
N PRO B 207 -23.16 -11.62 12.69
CA PRO B 207 -22.56 -12.23 13.89
C PRO B 207 -22.86 -13.73 13.96
N PRO B 208 -21.85 -14.54 14.26
CA PRO B 208 -21.97 -16.00 14.19
C PRO B 208 -22.80 -16.65 15.30
N GLY B 209 -22.87 -16.02 16.47
CA GLY B 209 -23.50 -16.62 17.64
C GLY B 209 -22.76 -17.86 18.13
N PHE B 210 -23.45 -18.68 18.93
CA PHE B 210 -22.86 -19.88 19.55
C PHE B 210 -21.57 -19.56 20.35
N GLY B 211 -21.53 -18.35 20.92
CA GLY B 211 -20.37 -17.92 21.69
C GLY B 211 -19.26 -17.27 20.88
N GLU B 212 -19.32 -17.42 19.56
CA GLU B 212 -18.30 -16.83 18.68
C GLU B 212 -18.62 -15.36 18.39
N ALA B 213 -17.59 -14.61 18.04
CA ALA B 213 -17.72 -13.20 17.68
C ALA B 213 -16.74 -12.87 16.56
N LEU B 214 -17.17 -12.02 15.65
CA LEU B 214 -16.31 -11.54 14.56
C LEU B 214 -15.14 -10.69 15.08
N VAL B 215 -13.99 -10.88 14.45
CA VAL B 215 -12.76 -10.14 14.77
C VAL B 215 -12.52 -9.08 13.69
N TYR B 216 -12.26 -7.85 14.14
CA TYR B 216 -12.00 -6.74 13.22
C TYR B 216 -10.63 -6.15 13.43
N PHE B 217 -9.96 -5.82 12.33
CA PHE B 217 -8.65 -5.18 12.37
C PHE B 217 -8.83 -3.70 12.12
N VAL B 218 -8.27 -2.88 12.99
CA VAL B 218 -8.56 -1.44 12.97
C VAL B 218 -7.32 -0.57 12.78
N SER B 219 -7.50 0.50 12.00
CA SER B 219 -6.47 1.52 11.80
C SER B 219 -7.13 2.91 11.84
N ALA B 220 -6.40 3.89 12.39
CA ALA B 220 -6.91 5.25 12.51
C ALA B 220 -6.78 6.04 11.20
N PHE B 221 -7.82 6.81 10.88
CA PHE B 221 -7.85 7.63 9.66
C PHE B 221 -8.04 9.11 10.02
N PRO B 222 -7.34 10.03 9.31
CA PRO B 222 -7.39 11.45 9.70
C PRO B 222 -8.77 12.08 9.64
N GLY B 223 -9.02 12.99 10.58
CA GLY B 223 -10.20 13.83 10.57
C GLY B 223 -10.92 13.89 11.90
N PRO B 224 -11.82 14.86 12.05
CA PRO B 224 -12.61 15.01 13.28
C PRO B 224 -13.77 14.02 13.37
N ASN B 225 -14.40 13.99 14.53
CA ASN B 225 -15.72 13.38 14.70
C ASN B 225 -16.38 13.95 15.94
N ASN B 226 -17.63 13.56 16.20
CA ASN B 226 -18.39 14.08 17.35
C ASN B 226 -17.81 13.68 18.70
N ARG B 227 -16.96 12.65 18.72
CA ARG B 227 -16.34 12.14 19.94
C ARG B 227 -14.96 12.76 20.21
N SER B 228 -14.49 13.60 19.28
CA SER B 228 -13.16 14.22 19.35
C SER B 228 -12.06 13.17 19.61
N ALA B 229 -12.16 12.07 18.87
CA ALA B 229 -11.30 10.91 19.06
C ALA B 229 -10.85 10.43 17.68
N PRO B 230 -9.93 9.44 17.62
CA PRO B 230 -9.54 8.95 16.30
C PRO B 230 -10.70 8.31 15.53
N ASN B 231 -10.70 8.47 14.21
CA ASN B 231 -11.60 7.74 13.33
C ASN B 231 -11.03 6.35 13.06
N ASP B 232 -11.61 5.34 13.69
CA ASP B 232 -11.10 3.97 13.56
C ASP B 232 -11.82 3.17 12.48
N VAL B 233 -11.03 2.62 11.57
CA VAL B 233 -11.55 1.91 10.40
C VAL B 233 -11.42 0.39 10.61
N PRO B 234 -12.55 -0.31 10.82
CA PRO B 234 -12.50 -1.76 10.97
C PRO B 234 -12.50 -2.49 9.63
N CYS B 235 -11.76 -3.58 9.55
CA CYS B 235 -11.81 -4.44 8.36
C CYS B 235 -11.73 -5.91 8.76
N LEU B 236 -12.07 -6.80 7.83
CA LEU B 236 -12.18 -8.23 8.14
C LEU B 236 -10.90 -9.04 7.99
N LEU B 237 -10.01 -8.59 7.11
CA LEU B 237 -8.78 -9.32 6.79
C LEU B 237 -7.63 -8.36 6.54
N PRO B 238 -6.41 -8.73 6.97
CA PRO B 238 -5.26 -7.94 6.52
C PRO B 238 -5.12 -8.02 5.00
N GLN B 239 -4.73 -6.92 4.37
CA GLN B 239 -4.59 -6.93 2.91
C GLN B 239 -3.60 -8.00 2.44
N GLU B 240 -2.54 -8.23 3.21
CA GLU B 240 -1.54 -9.24 2.83
C GLU B 240 -2.12 -10.65 2.79
N TYR B 241 -3.14 -10.92 3.61
CA TYR B 241 -3.83 -12.21 3.57
C TYR B 241 -4.54 -12.36 2.24
N ILE B 242 -5.21 -11.29 1.82
CA ILE B 242 -5.92 -11.27 0.53
C ILE B 242 -4.96 -11.54 -0.64
N THR B 243 -3.84 -10.83 -0.68
CA THR B 243 -2.85 -11.02 -1.73
C THR B 243 -2.34 -12.46 -1.73
N HIS B 244 -2.08 -12.98 -0.53
CA HIS B 244 -1.63 -14.36 -0.37
C HIS B 244 -2.64 -15.35 -0.94
N PHE B 245 -3.92 -15.17 -0.60
CA PHE B 245 -4.97 -16.09 -1.06
C PHE B 245 -5.13 -16.02 -2.58
N VAL B 246 -5.07 -14.82 -3.15
CA VAL B 246 -5.16 -14.63 -4.60
C VAL B 246 -4.02 -15.36 -5.34
N SER B 247 -2.82 -15.28 -4.77
CA SER B 247 -1.66 -15.95 -5.36
C SER B 247 -1.70 -17.47 -5.17
N GLU B 248 -2.06 -17.91 -3.97
CA GLU B 248 -2.01 -19.33 -3.61
C GLU B 248 -3.16 -20.15 -4.17
N GLN B 249 -4.36 -19.58 -4.15
CA GLN B 249 -5.58 -20.27 -4.63
C GLN B 249 -5.74 -21.66 -4.01
N ALA B 250 -5.50 -21.75 -2.70
CA ALA B 250 -5.61 -23.01 -1.98
C ALA B 250 -7.07 -23.35 -1.73
N PRO B 251 -7.51 -24.56 -2.13
CA PRO B 251 -8.92 -24.91 -1.98
C PRO B 251 -9.34 -25.01 -0.51
N THR B 252 -10.55 -24.57 -0.22
CA THR B 252 -11.11 -24.65 1.12
C THR B 252 -11.60 -26.07 1.38
N MET B 253 -11.08 -26.70 2.44
CA MET B 253 -11.36 -28.11 2.69
C MET B 253 -12.02 -28.41 4.04
N GLY B 254 -12.48 -27.36 4.73
CA GLY B 254 -13.24 -27.52 5.96
C GLY B 254 -14.25 -26.42 6.18
N ASP B 255 -15.09 -26.58 7.20
CA ASP B 255 -16.05 -25.56 7.59
C ASP B 255 -15.32 -24.28 8.00
N ALA B 256 -14.15 -24.46 8.59
CA ALA B 256 -13.30 -23.34 9.01
C ALA B 256 -11.85 -23.77 9.08
N ALA B 257 -10.95 -22.82 8.92
CA ALA B 257 -9.53 -23.04 9.15
C ALA B 257 -9.22 -22.63 10.59
N LEU B 258 -8.74 -23.58 11.38
CA LEU B 258 -8.32 -23.28 12.76
C LEU B 258 -6.95 -22.63 12.74
N LEU B 259 -6.85 -21.46 13.38
CA LEU B 259 -5.59 -20.74 13.50
C LEU B 259 -5.18 -20.62 14.97
N HIS B 260 -3.88 -20.62 15.20
CA HIS B 260 -3.33 -20.21 16.48
C HIS B 260 -2.67 -18.85 16.31
N TYR B 261 -2.87 -17.97 17.27
CA TYR B 261 -2.20 -16.68 17.27
C TYR B 261 -0.99 -16.85 18.17
N VAL B 262 0.20 -16.87 17.56
CA VAL B 262 1.43 -17.31 18.24
C VAL B 262 2.38 -16.13 18.49
N ASP B 263 2.94 -16.07 19.69
CA ASP B 263 4.02 -15.13 19.99
C ASP B 263 5.29 -15.70 19.36
N PRO B 264 5.86 -15.00 18.36
CA PRO B 264 7.03 -15.53 17.67
C PRO B 264 8.31 -15.51 18.52
N ASP B 265 8.32 -14.72 19.59
CA ASP B 265 9.44 -14.68 20.52
C ASP B 265 9.58 -15.96 21.34
N THR B 266 8.44 -16.58 21.66
CA THR B 266 8.40 -17.71 22.60
C THR B 266 7.76 -18.97 22.01
N ASN B 267 7.08 -18.82 20.88
CA ASN B 267 6.25 -19.87 20.27
C ASN B 267 5.04 -20.28 21.11
N ARG B 268 4.66 -19.42 22.06
CA ARG B 268 3.48 -19.62 22.89
C ARG B 268 2.20 -19.33 22.10
N ASN B 269 1.24 -20.24 22.18
CA ASN B 269 -0.08 -20.03 21.59
C ASN B 269 -0.90 -19.08 22.48
N LEU B 270 -1.24 -17.92 21.93
CA LEU B 270 -1.97 -16.90 22.69
C LEU B 270 -3.49 -16.97 22.54
N GLY B 271 -3.97 -17.78 21.60
CA GLY B 271 -5.41 -17.94 21.41
C GLY B 271 -5.79 -18.63 20.11
N GLU B 272 -6.92 -19.32 20.13
CA GLU B 272 -7.47 -20.02 18.97
C GLU B 272 -8.48 -19.13 18.24
N PHE B 273 -8.42 -19.15 16.92
CA PHE B 273 -9.35 -18.40 16.06
C PHE B 273 -9.84 -19.31 14.94
N LYS B 274 -11.04 -19.04 14.43
CA LYS B 274 -11.50 -19.70 13.22
C LYS B 274 -11.46 -18.72 12.06
N LEU B 275 -10.87 -19.13 10.95
CA LEU B 275 -10.93 -18.37 9.71
C LEU B 275 -11.92 -19.08 8.78
N TYR B 276 -13.05 -18.43 8.53
CA TYR B 276 -14.13 -19.04 7.76
C TYR B 276 -13.90 -18.87 6.25
N PRO B 277 -14.49 -19.79 5.45
CA PRO B 277 -14.32 -19.74 4.00
C PRO B 277 -14.68 -18.39 3.38
N GLY B 278 -15.66 -17.71 3.99
CA GLY B 278 -16.12 -16.41 3.53
C GLY B 278 -15.15 -15.26 3.73
N GLY B 279 -14.04 -15.50 4.41
CA GLY B 279 -12.98 -14.49 4.57
C GLY B 279 -13.11 -13.60 5.79
N TYR B 280 -13.44 -14.19 6.92
CA TYR B 280 -13.55 -13.45 8.17
C TYR B 280 -13.13 -14.36 9.32
N LEU B 281 -12.64 -13.74 10.40
CA LEU B 281 -12.15 -14.49 11.56
C LEU B 281 -13.13 -14.37 12.73
N THR B 282 -13.26 -15.45 13.49
CA THR B 282 -13.98 -15.39 14.77
C THR B 282 -13.12 -15.90 15.90
N CYS B 283 -13.50 -15.55 17.12
CA CYS B 283 -12.97 -16.15 18.32
C CYS B 283 -14.12 -16.30 19.32
N VAL B 284 -13.85 -16.97 20.44
CA VAL B 284 -14.80 -17.03 21.54
C VAL B 284 -14.25 -16.20 22.69
N PRO B 285 -14.85 -15.02 22.94
CA PRO B 285 -14.44 -14.21 24.10
C PRO B 285 -14.74 -14.98 25.39
N ASN B 286 -13.81 -14.92 26.34
CA ASN B 286 -13.98 -15.61 27.62
C ASN B 286 -14.72 -14.72 28.61
N GLY B 287 -15.99 -14.45 28.30
CA GLY B 287 -16.80 -13.52 29.07
C GLY B 287 -16.53 -12.08 28.70
N VAL B 288 -17.28 -11.17 29.31
CA VAL B 288 -17.13 -9.72 29.07
C VAL B 288 -15.76 -9.24 29.56
N GLY B 289 -15.15 -8.32 28.81
CA GLY B 289 -13.82 -7.82 29.12
C GLY B 289 -12.74 -8.59 28.37
N ALA B 290 -13.02 -9.86 28.09
CA ALA B 290 -12.11 -10.71 27.33
C ALA B 290 -12.33 -10.54 25.83
N GLY B 291 -11.37 -11.01 25.05
CA GLY B 291 -11.43 -10.85 23.61
C GLY B 291 -10.06 -10.61 23.03
N PRO B 292 -9.98 -10.48 21.70
CA PRO B 292 -8.70 -10.36 21.03
C PRO B 292 -8.00 -9.02 21.31
N GLN B 293 -8.74 -8.04 21.77
CA GLN B 293 -8.19 -6.73 22.12
C GLN B 293 -7.28 -6.79 23.35
N GLN B 294 -7.34 -7.90 24.08
CA GLN B 294 -6.47 -8.12 25.24
C GLN B 294 -5.08 -8.63 24.83
N LEU B 295 -4.95 -9.05 23.58
CA LEU B 295 -3.73 -9.70 23.09
C LEU B 295 -2.72 -8.70 22.55
N PRO B 296 -1.41 -9.03 22.68
CA PRO B 296 -0.36 -8.22 22.04
C PRO B 296 -0.49 -8.27 20.52
N LEU B 297 0.03 -7.26 19.85
CA LEU B 297 -0.13 -7.14 18.40
C LEU B 297 1.07 -7.64 17.60
N ASN B 298 2.05 -8.23 18.30
CA ASN B 298 3.24 -8.76 17.66
C ASN B 298 3.12 -10.25 17.31
N GLY B 299 1.93 -10.82 17.48
CA GLY B 299 1.70 -12.23 17.19
C GLY B 299 1.56 -12.54 15.70
N VAL B 300 1.72 -13.81 15.36
CA VAL B 300 1.59 -14.31 13.99
C VAL B 300 0.52 -15.39 13.99
N PHE B 301 -0.46 -15.29 13.08
CA PHE B 301 -1.44 -16.36 12.93
C PHE B 301 -0.83 -17.53 12.18
N LEU B 302 -1.15 -18.74 12.64
CA LEU B 302 -0.63 -19.97 12.07
C LEU B 302 -1.77 -20.94 11.78
N PHE B 303 -1.86 -21.41 10.54
CA PHE B 303 -2.85 -22.42 10.19
C PHE B 303 -2.48 -23.75 10.83
N VAL B 304 -3.43 -24.31 11.58
CA VAL B 304 -3.23 -25.58 12.31
C VAL B 304 -3.93 -26.74 11.62
N SER B 305 -5.21 -26.58 11.31
CA SER B 305 -6.01 -27.65 10.74
C SER B 305 -7.32 -27.13 10.19
N TRP B 306 -7.86 -27.85 9.20
CA TRP B 306 -9.27 -27.69 8.83
C TRP B 306 -10.12 -28.32 9.92
N VAL B 307 -11.22 -27.66 10.27
CA VAL B 307 -12.14 -28.18 11.26
C VAL B 307 -13.57 -28.18 10.73
N SER B 308 -14.41 -29.04 11.29
CA SER B 308 -15.81 -29.15 10.91
C SER B 308 -16.64 -28.08 11.61
N ARG B 309 -17.94 -28.05 11.31
CA ARG B 309 -18.86 -27.11 11.93
C ARG B 309 -19.07 -27.38 13.42
N PHE B 310 -18.67 -28.57 13.87
CA PHE B 310 -18.87 -29.01 15.25
C PHE B 310 -17.69 -28.68 16.17
N TYR B 311 -16.66 -28.03 15.62
CA TYR B 311 -15.49 -27.67 16.43
C TYR B 311 -15.75 -26.45 17.29
N GLN B 312 -15.51 -26.59 18.60
CA GLN B 312 -15.71 -25.50 19.54
C GLN B 312 -14.36 -24.88 19.93
N LEU B 313 -14.26 -23.57 19.72
CA LEU B 313 -13.03 -22.84 20.03
C LEU B 313 -12.81 -22.73 21.53
N LYS B 314 -11.54 -22.86 21.92
CA LYS B 314 -11.10 -22.51 23.28
C LYS B 314 -11.24 -20.99 23.45
N PRO B 315 -11.95 -20.54 24.50
CA PRO B 315 -12.09 -19.11 24.78
C PRO B 315 -10.77 -18.36 24.88
N VAL B 316 -10.74 -17.12 24.38
CA VAL B 316 -9.54 -16.28 24.42
C VAL B 316 -9.51 -15.35 25.62
#